data_1VS3
#
_entry.id   1VS3
#
_cell.length_a   91.530
_cell.length_b   91.530
_cell.length_c   163.990
_cell.angle_alpha   90.00
_cell.angle_beta   90.00
_cell.angle_gamma   90.00
#
_symmetry.space_group_name_H-M   'P 41 21 2'
#
loop_
_entity.id
_entity.type
_entity.pdbx_description
1 polymer 'tRNA pseudouridine synthase A'
2 water water
#
_entity_poly.entity_id   1
_entity_poly.type   'polypeptide(L)'
_entity_poly.pdbx_seq_one_letter_code
;MRRLLLLCEYDGTLFAGLQRQGRGLRTVQGELERALPGIGALPKAVAAGRTDAGVHALAMPFHVDVESAIPVEKVPEALN
RLLPEDLKVVGAREVAPDFHARKDALWRAYRYRILVRPHPSPLLRHRALWVRRPLDLEAMEEALSLLLGRHNFLGFAKEE
TRPGERELLEARLQVAEGEAGLEVRLYFRGKSFLRGQVRGMVGTLLEVGLGKRPPESLKAILKTADRRLAGPTAPAHGLY
FVEAAYPEE
;
_entity_poly.pdbx_strand_id   A,B
#
# COMPACT_ATOMS: atom_id res chain seq x y z
N MET A 1 3.35 10.70 38.01
CA MET A 1 3.88 10.09 36.77
C MET A 1 3.18 8.78 36.43
N ARG A 2 2.76 8.66 35.18
CA ARG A 2 2.04 7.47 34.70
C ARG A 2 2.82 6.69 33.62
N ARG A 3 2.64 5.37 33.56
CA ARG A 3 3.30 4.58 32.53
C ARG A 3 2.21 4.23 31.53
N LEU A 4 2.41 4.63 30.28
CA LEU A 4 1.43 4.38 29.22
C LEU A 4 1.92 3.30 28.27
N LEU A 5 0.97 2.58 27.65
CA LEU A 5 1.30 1.55 26.68
C LEU A 5 0.80 2.16 25.38
N LEU A 6 1.76 2.41 24.48
CA LEU A 6 1.49 3.01 23.19
C LEU A 6 1.57 1.95 22.10
N LEU A 7 0.73 2.07 21.09
CA LEU A 7 0.76 1.14 19.96
C LEU A 7 1.09 2.04 18.80
N CYS A 8 2.06 1.62 17.99
CA CYS A 8 2.49 2.41 16.85
C CYS A 8 2.45 1.67 15.53
N GLU A 9 2.18 2.41 14.46
CA GLU A 9 2.17 1.88 13.11
C GLU A 9 3.28 2.61 12.41
N TYR A 10 4.05 1.91 11.60
CA TYR A 10 5.09 2.61 10.86
C TYR A 10 5.44 1.92 9.57
N ASP A 11 5.90 2.75 8.64
CA ASP A 11 6.34 2.32 7.32
C ASP A 11 7.82 2.25 7.60
N GLY A 12 8.37 1.05 7.62
CA GLY A 12 9.77 0.95 7.92
C GLY A 12 10.80 1.32 6.85
N THR A 13 10.38 1.50 5.60
CA THR A 13 11.37 1.77 4.55
C THR A 13 12.36 2.93 4.74
N LEU A 14 12.03 4.00 5.44
CA LEU A 14 13.00 5.09 5.65
C LEU A 14 13.59 5.10 7.09
N PHE A 15 13.62 3.94 7.74
CA PHE A 15 14.15 3.80 9.11
C PHE A 15 15.25 2.75 9.08
N ALA A 16 16.32 2.98 9.82
CA ALA A 16 17.43 2.01 9.86
C ALA A 16 17.05 0.81 10.71
N GLY A 17 15.95 0.95 11.44
CA GLY A 17 15.45 -0.12 12.30
C GLY A 17 14.63 0.47 13.43
N LEU A 18 14.14 -0.38 14.33
CA LEU A 18 13.34 0.12 15.46
C LEU A 18 14.28 0.72 16.51
N GLN A 19 15.04 -0.10 17.22
CA GLN A 19 15.93 0.41 18.26
C GLN A 19 17.02 1.37 17.75
N ARG A 20 17.50 2.28 18.61
CA ARG A 20 18.57 3.23 18.23
C ARG A 20 19.81 2.44 17.81
N GLN A 21 20.55 2.93 16.80
CA GLN A 21 21.75 2.25 16.32
C GLN A 21 22.92 3.21 16.21
N GLY A 22 22.75 4.40 16.75
CA GLY A 22 23.84 5.34 16.69
C GLY A 22 24.13 5.73 15.27
N ARG A 23 25.37 6.10 14.98
CA ARG A 23 25.80 6.49 13.64
C ARG A 23 24.93 7.55 12.96
N GLY A 24 24.17 8.29 13.76
CA GLY A 24 23.32 9.32 13.21
C GLY A 24 22.17 8.80 12.37
N LEU A 25 21.93 7.50 12.43
CA LEU A 25 20.86 6.89 11.64
C LEU A 25 19.42 7.20 12.17
N ARG A 26 18.44 7.23 11.27
CA ARG A 26 17.06 7.50 11.68
C ARG A 26 16.42 6.18 12.04
N THR A 27 15.93 6.06 13.27
CA THR A 27 15.30 4.84 13.73
C THR A 27 13.92 5.15 14.30
N VAL A 28 13.10 4.13 14.52
CA VAL A 28 11.76 4.37 15.06
C VAL A 28 11.83 4.88 16.51
N GLN A 29 12.70 4.29 17.34
CA GLN A 29 12.88 4.70 18.74
C GLN A 29 13.33 6.15 18.83
N GLY A 30 14.27 6.52 17.97
CA GLY A 30 14.78 7.87 17.94
C GLY A 30 13.66 8.88 17.73
N GLU A 31 12.89 8.68 16.67
CA GLU A 31 11.81 9.60 16.36
C GLU A 31 10.70 9.63 17.40
N LEU A 32 10.42 8.50 18.02
CA LEU A 32 9.38 8.47 19.04
C LEU A 32 9.90 9.22 20.25
N GLU A 33 11.14 8.96 20.63
CA GLU A 33 11.69 9.64 21.78
C GLU A 33 11.86 11.16 21.53
N ARG A 34 11.99 11.53 20.25
CA ARG A 34 12.13 12.95 19.86
C ARG A 34 10.82 13.68 20.14
N ALA A 35 9.72 12.98 19.89
CA ALA A 35 8.37 13.51 20.08
C ALA A 35 7.87 13.51 21.53
N LEU A 36 8.21 12.45 22.25
CA LEU A 36 7.76 12.26 23.61
C LEU A 36 7.78 13.50 24.55
N PRO A 37 8.82 14.38 24.50
CA PRO A 37 8.80 15.55 25.41
C PRO A 37 7.67 16.55 25.12
N GLY A 38 7.19 16.55 23.88
CA GLY A 38 6.12 17.49 23.55
C GLY A 38 4.83 17.12 24.23
N ILE A 39 4.86 15.99 24.93
CA ILE A 39 3.73 15.45 25.64
C ILE A 39 4.01 15.40 27.15
N GLY A 40 5.17 15.91 27.51
CA GLY A 40 5.56 15.95 28.90
C GLY A 40 5.98 14.58 29.37
N ALA A 41 6.58 13.79 28.48
CA ALA A 41 7.02 12.46 28.85
C ALA A 41 8.52 12.33 28.78
N LEU A 42 9.07 11.36 29.51
CA LEU A 42 10.50 11.16 29.49
C LEU A 42 10.80 10.69 28.10
N PRO A 43 11.93 11.13 27.52
CA PRO A 43 12.31 10.73 26.16
C PRO A 43 12.86 9.31 26.08
N LYS A 44 12.09 8.35 26.59
CA LYS A 44 12.49 6.96 26.57
C LYS A 44 11.31 6.10 26.15
N ALA A 45 11.57 5.15 25.26
CA ALA A 45 10.56 4.24 24.79
C ALA A 45 11.14 2.84 24.67
N VAL A 46 10.51 1.86 25.32
CA VAL A 46 10.96 0.48 25.25
C VAL A 46 9.92 -0.31 24.47
N ALA A 47 10.34 -0.93 23.38
CA ALA A 47 9.45 -1.70 22.53
C ALA A 47 9.26 -3.15 22.94
N ALA A 48 8.19 -3.77 22.43
CA ALA A 48 7.90 -5.16 22.74
C ALA A 48 8.84 -6.07 21.96
N GLY A 49 9.36 -5.56 20.84
CA GLY A 49 10.26 -6.34 20.02
C GLY A 49 11.22 -5.50 19.19
N ARG A 50 11.74 -6.13 18.12
CA ARG A 50 12.71 -5.50 17.22
C ARG A 50 12.32 -5.62 15.75
N THR A 51 12.56 -4.58 14.97
CA THR A 51 12.34 -4.68 13.55
C THR A 51 13.54 -4.08 12.83
N ASP A 52 14.02 -4.83 11.83
CA ASP A 52 15.17 -4.45 11.03
C ASP A 52 14.79 -3.30 10.10
N ALA A 53 15.81 -2.74 9.43
CA ALA A 53 15.61 -1.66 8.48
C ALA A 53 14.60 -2.16 7.47
N GLY A 54 13.66 -1.31 7.09
CA GLY A 54 12.67 -1.71 6.11
C GLY A 54 11.41 -2.46 6.56
N VAL A 55 11.42 -3.12 7.74
CA VAL A 55 10.22 -3.82 8.12
C VAL A 55 9.24 -2.92 8.86
N HIS A 56 7.97 -3.24 8.62
CA HIS A 56 6.82 -2.51 9.12
C HIS A 56 6.17 -2.99 10.40
N ALA A 57 5.22 -2.20 10.89
CA ALA A 57 4.47 -2.56 12.08
C ALA A 57 3.09 -1.96 11.98
N LEU A 58 2.09 -2.72 12.42
CA LEU A 58 0.73 -2.24 12.41
C LEU A 58 0.42 -1.79 13.82
N ALA A 59 0.88 -2.57 14.81
CA ALA A 59 0.66 -2.21 16.21
C ALA A 59 1.83 -2.57 17.15
N MET A 60 2.99 -1.95 16.98
CA MET A 60 4.13 -2.25 17.85
C MET A 60 3.96 -1.56 19.18
N PRO A 61 3.95 -2.33 20.27
CA PRO A 61 3.78 -1.73 21.60
C PRO A 61 5.07 -1.07 22.12
N PHE A 62 4.94 -0.01 22.90
CA PHE A 62 6.08 0.70 23.50
C PHE A 62 5.59 1.18 24.85
N HIS A 63 6.43 1.15 25.87
CA HIS A 63 5.98 1.75 27.13
C HIS A 63 6.79 3.00 27.31
N VAL A 64 6.11 4.04 27.79
CA VAL A 64 6.68 5.35 28.01
C VAL A 64 6.19 5.86 29.37
N ASP A 65 6.90 6.83 29.94
CA ASP A 65 6.49 7.40 31.22
C ASP A 65 6.13 8.87 31.00
N VAL A 66 4.90 9.23 31.34
CA VAL A 66 4.51 10.62 31.15
C VAL A 66 4.48 11.31 32.51
N GLU A 67 5.00 12.52 32.53
CA GLU A 67 5.03 13.28 33.76
C GLU A 67 3.83 14.22 33.77
N SER A 68 3.53 14.83 32.63
CA SER A 68 2.41 15.76 32.55
C SER A 68 1.08 15.14 32.95
N ALA A 69 0.01 15.95 32.91
CA ALA A 69 -1.32 15.51 33.30
C ALA A 69 -2.16 15.03 32.12
N ILE A 70 -1.60 15.13 30.92
CA ILE A 70 -2.28 14.72 29.69
C ILE A 70 -3.18 13.47 29.84
N PRO A 71 -4.44 13.59 29.41
CA PRO A 71 -5.36 12.45 29.50
C PRO A 71 -4.97 11.38 28.48
N VAL A 72 -5.05 10.12 28.86
CA VAL A 72 -4.67 9.04 27.97
C VAL A 72 -5.34 9.20 26.60
N GLU A 73 -6.61 9.59 26.60
CA GLU A 73 -7.40 9.81 25.39
C GLU A 73 -6.72 10.73 24.38
N LYS A 74 -5.98 11.70 24.90
CA LYS A 74 -5.36 12.67 24.02
C LYS A 74 -3.94 12.39 23.56
N VAL A 75 -3.22 11.44 24.15
CA VAL A 75 -1.84 11.34 23.69
C VAL A 75 -1.61 10.86 22.23
N PRO A 76 -2.45 9.97 21.67
CA PRO A 76 -2.15 9.61 20.28
C PRO A 76 -2.14 10.81 19.33
N GLU A 77 -3.12 11.71 19.50
CA GLU A 77 -3.23 12.90 18.66
C GLU A 77 -2.11 13.91 18.92
N ALA A 78 -1.76 14.08 20.18
CA ALA A 78 -0.69 15.01 20.53
C ALA A 78 0.65 14.52 20.01
N LEU A 79 0.91 13.22 20.12
CA LEU A 79 2.18 12.70 19.61
C LEU A 79 2.19 12.74 18.09
N ASN A 80 1.05 12.44 17.48
CA ASN A 80 0.93 12.45 16.02
C ASN A 80 1.16 13.82 15.33
N ARG A 81 0.93 14.93 16.04
CA ARG A 81 1.17 16.26 15.47
C ARG A 81 2.69 16.45 15.40
N LEU A 82 3.39 15.78 16.31
CA LEU A 82 4.84 15.88 16.41
C LEU A 82 5.64 14.83 15.63
N LEU A 83 5.06 13.66 15.44
CA LEU A 83 5.73 12.58 14.72
C LEU A 83 5.82 12.74 13.21
N PRO A 84 6.79 12.03 12.58
CA PRO A 84 6.94 12.14 11.12
C PRO A 84 5.79 11.39 10.42
N GLU A 85 5.59 11.66 9.13
CA GLU A 85 4.50 11.04 8.38
C GLU A 85 4.51 9.50 8.29
N ASP A 86 5.69 8.89 8.46
CA ASP A 86 5.78 7.44 8.39
C ASP A 86 5.71 6.69 9.73
N LEU A 87 5.27 7.37 10.80
CA LEU A 87 5.17 6.73 12.12
C LEU A 87 4.12 7.49 12.93
N LYS A 88 3.16 6.75 13.47
CA LYS A 88 2.09 7.35 14.24
C LYS A 88 1.61 6.41 15.35
N VAL A 89 1.11 6.99 16.42
CA VAL A 89 0.58 6.23 17.55
C VAL A 89 -0.87 5.96 17.18
N VAL A 90 -1.28 4.69 17.26
CA VAL A 90 -2.66 4.31 16.90
C VAL A 90 -3.44 3.80 18.11
N GLY A 91 -2.83 3.95 19.29
CA GLY A 91 -3.45 3.51 20.52
C GLY A 91 -2.63 3.85 21.75
N ALA A 92 -3.30 4.11 22.86
CA ALA A 92 -2.65 4.42 24.13
C ALA A 92 -3.54 3.95 25.25
N ARG A 93 -2.92 3.42 26.30
CA ARG A 93 -3.65 2.85 27.43
C ARG A 93 -2.78 2.94 28.70
N GLU A 94 -3.34 3.34 29.83
CA GLU A 94 -2.53 3.41 31.05
C GLU A 94 -2.35 2.01 31.61
N VAL A 95 -1.13 1.72 32.09
CA VAL A 95 -0.83 0.42 32.67
C VAL A 95 -0.10 0.58 34.01
N ALA A 96 0.34 -0.54 34.58
CA ALA A 96 1.07 -0.53 35.84
C ALA A 96 2.38 0.22 35.63
N PRO A 97 2.79 1.04 36.62
CA PRO A 97 4.04 1.81 36.52
C PRO A 97 5.24 0.88 36.36
N ASP A 98 4.91 -0.40 36.55
CA ASP A 98 5.78 -1.57 36.57
C ASP A 98 5.72 -2.39 35.26
N PHE A 99 4.83 -2.01 34.35
CA PHE A 99 4.61 -2.72 33.10
C PHE A 99 5.81 -2.68 32.13
N HIS A 100 6.15 -3.85 31.58
CA HIS A 100 7.25 -3.91 30.64
C HIS A 100 6.80 -4.50 29.32
N ALA A 101 6.77 -3.63 28.31
CA ALA A 101 6.35 -3.98 26.97
C ALA A 101 7.00 -5.25 26.41
N ARG A 102 8.27 -5.44 26.71
CA ARG A 102 8.98 -6.61 26.22
C ARG A 102 8.85 -7.82 27.15
N LYS A 103 9.19 -7.65 28.43
CA LYS A 103 9.12 -8.77 29.37
C LYS A 103 7.72 -9.38 29.66
N ASP A 104 6.68 -8.54 29.70
CA ASP A 104 5.32 -9.01 30.01
C ASP A 104 4.49 -9.51 28.83
N ALA A 105 5.05 -9.50 27.62
CA ALA A 105 4.28 -9.95 26.46
C ALA A 105 4.02 -11.46 26.44
N LEU A 106 2.76 -11.84 26.25
CA LEU A 106 2.39 -13.25 26.17
C LEU A 106 2.84 -13.81 24.83
N TRP A 107 2.71 -13.00 23.79
CA TRP A 107 3.14 -13.39 22.43
C TRP A 107 3.19 -12.23 21.44
N ARG A 108 3.79 -12.48 20.29
CA ARG A 108 3.89 -11.51 19.21
C ARG A 108 3.48 -12.20 17.92
N ALA A 109 2.86 -11.45 17.03
CA ALA A 109 2.43 -11.98 15.75
C ALA A 109 3.01 -11.18 14.60
N TYR A 110 3.43 -11.89 13.56
CA TYR A 110 4.04 -11.30 12.37
C TYR A 110 3.36 -11.78 11.10
N ARG A 111 3.36 -10.93 10.08
CA ARG A 111 2.76 -11.29 8.79
C ARG A 111 3.70 -10.84 7.68
N TYR A 112 3.88 -11.72 6.69
CA TYR A 112 4.73 -11.45 5.53
C TYR A 112 3.84 -11.54 4.30
N ARG A 113 3.97 -10.57 3.41
CA ARG A 113 3.18 -10.51 2.18
C ARG A 113 3.98 -10.79 0.92
N ILE A 114 3.49 -11.74 0.14
CA ILE A 114 4.10 -12.12 -1.11
C ILE A 114 3.03 -11.86 -2.15
N LEU A 115 3.41 -11.27 -3.27
CA LEU A 115 2.45 -10.97 -4.31
C LEU A 115 2.98 -11.66 -5.56
N VAL A 116 2.26 -12.66 -6.04
CA VAL A 116 2.70 -13.42 -7.21
C VAL A 116 1.98 -12.82 -8.41
N ARG A 117 2.76 -12.33 -9.36
CA ARG A 117 2.22 -11.72 -10.57
C ARG A 117 3.33 -11.58 -11.62
N PRO A 118 2.96 -11.50 -12.91
CA PRO A 118 3.93 -11.37 -14.02
C PRO A 118 4.91 -10.21 -13.95
N HIS A 119 4.42 -9.07 -13.48
CA HIS A 119 5.27 -7.90 -13.45
C HIS A 119 5.35 -7.20 -12.12
N PRO A 120 6.42 -6.40 -11.93
CA PRO A 120 6.57 -5.69 -10.65
C PRO A 120 5.35 -4.80 -10.37
N SER A 121 5.14 -4.41 -9.11
CA SER A 121 4.06 -3.54 -8.74
C SER A 121 4.58 -2.28 -8.08
N PRO A 122 4.65 -1.19 -8.85
CA PRO A 122 5.15 0.07 -8.29
C PRO A 122 4.36 0.53 -7.08
N LEU A 123 3.05 0.27 -7.06
CA LEU A 123 2.24 0.71 -5.94
C LEU A 123 2.52 -0.10 -4.67
N LEU A 124 2.85 -1.39 -4.82
CA LEU A 124 3.13 -2.22 -3.66
C LEU A 124 4.63 -2.57 -3.51
N ARG A 125 5.51 -1.83 -4.18
CA ARG A 125 6.95 -2.11 -4.10
C ARG A 125 7.58 -2.09 -2.69
N HIS A 126 6.97 -1.40 -1.73
CA HIS A 126 7.52 -1.35 -0.38
C HIS A 126 6.57 -2.02 0.59
N ARG A 127 5.69 -2.87 0.08
CA ARG A 127 4.69 -3.52 0.91
C ARG A 127 4.56 -5.03 0.77
N ALA A 128 5.05 -5.58 -0.34
CA ALA A 128 4.94 -7.01 -0.56
C ALA A 128 6.13 -7.52 -1.35
N LEU A 129 6.47 -8.79 -1.18
CA LEU A 129 7.61 -9.34 -1.93
C LEU A 129 7.06 -9.71 -3.29
N TRP A 130 7.57 -9.10 -4.36
CA TRP A 130 7.08 -9.45 -5.69
C TRP A 130 7.73 -10.77 -6.11
N VAL A 131 6.92 -11.76 -6.48
CA VAL A 131 7.41 -13.05 -6.94
C VAL A 131 6.73 -13.36 -8.28
N ARG A 132 7.50 -13.70 -9.30
CA ARG A 132 6.95 -14.02 -10.62
C ARG A 132 6.60 -15.51 -10.77
N ARG A 133 7.53 -16.39 -10.43
CA ARG A 133 7.25 -17.81 -10.55
C ARG A 133 6.18 -18.25 -9.58
N PRO A 134 5.30 -19.17 -10.01
CA PRO A 134 4.22 -19.67 -9.17
C PRO A 134 4.84 -20.35 -7.99
N LEU A 135 4.10 -20.37 -6.90
CA LEU A 135 4.58 -20.96 -5.68
C LEU A 135 3.98 -22.35 -5.40
N ASP A 136 4.83 -23.34 -5.11
CA ASP A 136 4.30 -24.66 -4.78
C ASP A 136 3.72 -24.46 -3.42
N LEU A 137 2.46 -24.01 -3.39
CA LEU A 137 1.78 -23.76 -2.13
C LEU A 137 1.68 -25.02 -1.27
N GLU A 138 1.71 -26.19 -1.89
CA GLU A 138 1.61 -27.47 -1.17
C GLU A 138 2.86 -27.69 -0.32
N ALA A 139 4.03 -27.54 -0.94
CA ALA A 139 5.28 -27.72 -0.23
C ALA A 139 5.42 -26.69 0.89
N MET A 140 5.07 -25.43 0.64
CA MET A 140 5.17 -24.43 1.71
C MET A 140 4.35 -24.84 2.93
N GLU A 141 3.15 -25.35 2.73
CA GLU A 141 2.36 -25.73 3.90
C GLU A 141 2.96 -26.94 4.61
N GLU A 142 3.58 -27.85 3.86
CA GLU A 142 4.21 -29.02 4.45
C GLU A 142 5.34 -28.50 5.34
N ALA A 143 6.18 -27.65 4.79
CA ALA A 143 7.31 -27.08 5.54
C ALA A 143 6.83 -26.26 6.75
N LEU A 144 5.79 -25.46 6.55
CA LEU A 144 5.24 -24.63 7.61
C LEU A 144 4.91 -25.55 8.80
N SER A 145 4.35 -26.70 8.49
CA SER A 145 3.96 -27.65 9.53
C SER A 145 5.15 -28.19 10.33
N LEU A 146 6.32 -28.33 9.71
CA LEU A 146 7.51 -28.83 10.39
C LEU A 146 8.06 -27.82 11.40
N LEU A 147 7.69 -26.56 11.21
CA LEU A 147 8.12 -25.42 12.05
C LEU A 147 7.30 -25.20 13.35
N LEU A 148 6.09 -25.72 13.37
CA LEU A 148 5.21 -25.60 14.53
C LEU A 148 5.80 -26.36 15.71
N GLY A 149 5.58 -25.85 16.91
CA GLY A 149 6.06 -26.51 18.11
C GLY A 149 7.35 -25.99 18.70
N ARG A 150 7.87 -26.73 19.69
CA ARG A 150 9.11 -26.36 20.37
C ARG A 150 10.37 -26.80 19.63
N HIS A 151 11.24 -25.85 19.31
CA HIS A 151 12.49 -26.20 18.64
C HIS A 151 13.56 -25.19 18.93
N ASN A 152 14.77 -25.51 18.49
CA ASN A 152 15.88 -24.62 18.63
C ASN A 152 15.87 -23.96 17.30
N PHE A 153 15.29 -22.76 17.23
CA PHE A 153 15.21 -22.04 15.96
C PHE A 153 16.46 -21.25 15.57
N LEU A 154 17.59 -21.44 16.26
CA LEU A 154 18.78 -20.69 15.92
C LEU A 154 19.25 -20.84 14.46
N GLY A 155 18.85 -21.93 13.80
CA GLY A 155 19.24 -22.11 12.42
C GLY A 155 18.61 -21.08 11.49
N PHE A 156 17.49 -20.49 11.93
CA PHE A 156 16.77 -19.48 11.13
C PHE A 156 17.16 -18.08 11.56
N ALA A 157 17.93 -18.01 12.64
CA ALA A 157 18.35 -16.74 13.23
C ALA A 157 19.57 -16.07 12.59
N LYS A 158 19.80 -14.84 13.00
CA LYS A 158 20.93 -14.07 12.49
C LYS A 158 21.51 -13.20 13.57
N GLU A 159 22.74 -13.48 13.95
CA GLU A 159 23.41 -12.69 14.96
C GLU A 159 22.64 -12.60 16.31
N GLU A 160 22.28 -13.76 16.86
CA GLU A 160 21.53 -13.85 18.13
C GLU A 160 22.36 -14.59 19.20
N THR A 161 22.27 -14.15 20.45
CA THR A 161 23.03 -14.80 21.52
C THR A 161 22.15 -15.38 22.62
N ARG A 162 20.84 -15.23 22.48
CA ARG A 162 19.90 -15.76 23.48
C ARG A 162 19.73 -17.27 23.34
N PRO A 163 19.07 -17.90 24.33
CA PRO A 163 18.87 -19.36 24.23
C PRO A 163 18.00 -19.58 23.00
N GLY A 164 18.38 -20.55 22.14
CA GLY A 164 17.63 -20.79 20.92
C GLY A 164 16.25 -21.46 20.94
N GLU A 165 15.90 -22.07 22.07
CA GLU A 165 14.62 -22.75 22.19
C GLU A 165 13.44 -21.80 22.28
N ARG A 166 12.45 -22.03 21.43
CA ARG A 166 11.24 -21.23 21.38
C ARG A 166 10.10 -22.14 21.03
N GLU A 167 8.89 -21.62 21.18
CA GLU A 167 7.69 -22.37 20.87
C GLU A 167 6.88 -21.55 19.86
N LEU A 168 6.78 -22.08 18.65
CA LEU A 168 6.04 -21.45 17.55
C LEU A 168 4.61 -21.91 17.69
N LEU A 169 3.71 -21.01 18.08
CA LEU A 169 2.31 -21.35 18.27
C LEU A 169 1.49 -21.43 16.99
N GLU A 170 1.73 -20.53 16.04
CA GLU A 170 1.01 -20.58 14.77
C GLU A 170 1.98 -20.35 13.63
N ALA A 171 1.69 -20.96 12.49
CA ALA A 171 2.52 -20.84 11.29
C ALA A 171 1.62 -21.30 10.16
N ARG A 172 0.94 -20.32 9.56
CA ARG A 172 -0.01 -20.60 8.49
C ARG A 172 0.10 -19.75 7.23
N LEU A 173 -0.36 -20.36 6.13
CA LEU A 173 -0.35 -19.73 4.84
C LEU A 173 -1.78 -19.33 4.53
N GLN A 174 -1.94 -18.23 3.83
CA GLN A 174 -3.27 -17.76 3.48
C GLN A 174 -3.09 -17.18 2.10
N VAL A 175 -3.82 -17.74 1.15
CA VAL A 175 -3.75 -17.27 -0.22
C VAL A 175 -5.07 -16.63 -0.60
N ALA A 176 -4.98 -15.51 -1.30
CA ALA A 176 -6.18 -14.82 -1.74
C ALA A 176 -5.93 -14.31 -3.12
N GLU A 177 -6.88 -14.55 -4.00
CA GLU A 177 -6.73 -14.06 -5.34
C GLU A 177 -7.14 -12.65 -5.14
N GLY A 178 -6.31 -11.72 -5.56
CA GLY A 178 -6.64 -10.33 -5.41
C GLY A 178 -6.51 -9.54 -6.70
N GLU A 179 -6.76 -8.23 -6.61
CA GLU A 179 -6.70 -7.36 -7.76
C GLU A 179 -5.28 -7.14 -8.27
N ALA A 180 -4.31 -7.02 -7.36
CA ALA A 180 -2.93 -6.79 -7.75
C ALA A 180 -2.24 -8.10 -8.14
N GLY A 181 -2.91 -9.22 -7.89
CA GLY A 181 -2.36 -10.53 -8.21
C GLY A 181 -2.71 -11.57 -7.15
N LEU A 182 -1.94 -12.65 -7.06
CA LEU A 182 -2.25 -13.64 -6.04
C LEU A 182 -1.54 -13.21 -4.76
N GLU A 183 -2.31 -13.01 -3.69
CA GLU A 183 -1.72 -12.59 -2.42
C GLU A 183 -1.40 -13.79 -1.54
N VAL A 184 -0.13 -13.99 -1.21
CA VAL A 184 0.23 -15.08 -0.32
C VAL A 184 0.78 -14.44 0.93
N ARG A 185 0.08 -14.69 2.03
CA ARG A 185 0.43 -14.16 3.33
C ARG A 185 0.86 -15.30 4.25
N LEU A 186 1.99 -15.10 4.94
CA LEU A 186 2.53 -16.08 5.88
C LEU A 186 2.32 -15.45 7.25
N TYR A 187 1.68 -16.19 8.16
CA TYR A 187 1.44 -15.67 9.50
C TYR A 187 2.16 -16.51 10.56
N PHE A 188 2.74 -15.85 11.56
CA PHE A 188 3.47 -16.53 12.64
C PHE A 188 3.13 -15.86 13.98
N ARG A 189 2.99 -16.68 15.02
CA ARG A 189 2.69 -16.18 16.38
C ARG A 189 3.44 -17.13 17.32
N GLY A 190 4.22 -16.55 18.23
CA GLY A 190 4.98 -17.36 19.20
C GLY A 190 5.23 -16.47 20.41
N LYS A 191 5.65 -17.02 21.55
CA LYS A 191 5.90 -16.15 22.71
C LYS A 191 6.92 -15.08 22.37
N SER A 192 7.99 -15.47 21.70
CA SER A 192 8.99 -14.50 21.30
C SER A 192 9.82 -15.06 20.15
N PHE A 193 10.53 -14.18 19.48
CA PHE A 193 11.34 -14.61 18.35
C PHE A 193 12.78 -14.20 18.48
N LEU A 194 13.66 -15.01 17.88
CA LEU A 194 15.08 -14.72 17.91
C LEU A 194 15.34 -13.65 16.86
N ARG A 195 16.46 -12.95 16.99
CA ARG A 195 16.79 -11.92 16.02
C ARG A 195 16.91 -12.58 14.66
N GLY A 196 16.30 -11.95 13.65
CA GLY A 196 16.33 -12.47 12.30
C GLY A 196 15.56 -13.76 12.04
N GLN A 197 14.95 -14.31 13.08
CA GLN A 197 14.21 -15.56 12.94
C GLN A 197 13.05 -15.55 11.92
N VAL A 198 12.14 -14.59 12.01
CA VAL A 198 11.02 -14.55 11.09
C VAL A 198 11.46 -14.38 9.65
N ARG A 199 12.43 -13.51 9.40
CA ARG A 199 12.90 -13.31 8.02
C ARG A 199 13.63 -14.54 7.47
N GLY A 200 14.22 -15.31 8.38
CA GLY A 200 14.94 -16.52 7.98
C GLY A 200 14.00 -17.67 7.68
N MET A 201 12.91 -17.77 8.46
CA MET A 201 11.92 -18.80 8.23
C MET A 201 11.24 -18.45 6.90
N VAL A 202 10.84 -17.19 6.73
CA VAL A 202 10.21 -16.79 5.47
C VAL A 202 11.14 -17.06 4.28
N GLY A 203 12.42 -16.69 4.42
CA GLY A 203 13.35 -16.92 3.34
C GLY A 203 13.51 -18.39 2.98
N THR A 204 13.49 -19.26 3.98
CA THR A 204 13.64 -20.68 3.70
C THR A 204 12.34 -21.19 3.07
N LEU A 205 11.19 -20.66 3.51
CA LEU A 205 9.91 -21.05 2.94
C LEU A 205 9.78 -20.60 1.47
N LEU A 206 10.26 -19.41 1.14
CA LEU A 206 10.19 -18.98 -0.28
C LEU A 206 10.95 -19.98 -1.15
N GLU A 207 12.05 -20.49 -0.62
CA GLU A 207 12.86 -21.43 -1.35
C GLU A 207 12.07 -22.69 -1.59
N VAL A 208 11.35 -23.11 -0.56
CA VAL A 208 10.52 -24.29 -0.68
C VAL A 208 9.54 -24.00 -1.82
N GLY A 209 8.71 -22.98 -1.62
CA GLY A 209 7.75 -22.62 -2.64
C GLY A 209 8.27 -22.58 -4.06
N LEU A 210 9.57 -22.25 -4.22
CA LEU A 210 10.21 -22.07 -5.52
C LEU A 210 11.07 -23.18 -6.03
N GLY A 211 11.67 -23.87 -5.08
CA GLY A 211 12.48 -25.00 -5.39
C GLY A 211 13.66 -25.06 -4.50
N LYS A 212 13.44 -25.58 -3.30
CA LYS A 212 14.49 -25.80 -2.32
C LYS A 212 14.11 -27.21 -2.02
N ARG A 213 15.12 -28.08 -1.80
CA ARG A 213 14.88 -29.51 -1.52
C ARG A 213 13.45 -29.57 -0.96
N PRO A 214 12.87 -30.72 -0.88
CA PRO A 214 11.51 -30.62 -0.37
C PRO A 214 11.29 -29.81 0.90
N PRO A 215 10.09 -29.92 1.36
CA PRO A 215 9.86 -29.19 2.60
C PRO A 215 10.74 -29.88 3.62
N GLU A 216 10.94 -31.20 3.45
CA GLU A 216 11.74 -31.97 4.42
C GLU A 216 12.99 -31.27 4.94
N SER A 217 13.75 -30.66 4.04
CA SER A 217 15.02 -30.03 4.38
C SER A 217 15.01 -29.09 5.59
N LEU A 218 13.83 -28.69 6.08
CA LEU A 218 13.77 -27.84 7.25
C LEU A 218 14.04 -28.62 8.51
N LYS A 219 13.91 -29.94 8.42
CA LYS A 219 14.16 -30.81 9.58
C LYS A 219 15.60 -30.63 10.05
N ALA A 220 16.49 -30.66 9.07
CA ALA A 220 17.92 -30.51 9.27
C ALA A 220 18.22 -29.19 9.94
N ILE A 221 17.51 -28.15 9.53
CA ILE A 221 17.72 -26.82 10.11
C ILE A 221 17.29 -26.73 11.58
N LEU A 222 16.20 -27.41 11.93
CA LEU A 222 15.71 -27.39 13.29
C LEU A 222 16.54 -28.29 14.18
N LYS A 223 16.83 -29.51 13.73
CA LYS A 223 17.63 -30.44 14.53
C LYS A 223 19.00 -29.84 14.97
N THR A 224 19.81 -29.50 13.97
CA THR A 224 21.18 -28.97 14.10
C THR A 224 21.35 -27.47 14.43
N ALA A 225 20.28 -26.69 14.32
CA ALA A 225 20.33 -25.24 14.55
C ALA A 225 21.49 -24.60 13.81
N ASP A 226 21.82 -25.14 12.64
CA ASP A 226 22.92 -24.63 11.83
C ASP A 226 22.37 -23.68 10.75
N ARG A 227 22.61 -22.38 10.92
CA ARG A 227 22.12 -21.37 9.97
C ARG A 227 22.74 -21.46 8.58
N ARG A 228 23.82 -22.22 8.45
CA ARG A 228 24.48 -22.40 7.17
C ARG A 228 23.55 -23.16 6.20
N LEU A 229 22.61 -23.92 6.76
CA LEU A 229 21.66 -24.70 5.96
C LEU A 229 20.39 -23.93 5.52
N ALA A 230 20.07 -22.84 6.21
CA ALA A 230 18.88 -22.04 5.89
C ALA A 230 19.00 -21.22 4.62
N GLY A 231 17.87 -20.77 4.10
CA GLY A 231 17.90 -19.99 2.88
C GLY A 231 18.30 -18.57 3.16
N PRO A 232 18.30 -17.69 2.14
CA PRO A 232 18.67 -16.29 2.33
C PRO A 232 17.58 -15.62 3.18
N THR A 233 17.90 -14.54 3.88
CA THR A 233 16.87 -13.90 4.70
C THR A 233 15.92 -13.18 3.78
N ALA A 234 14.63 -13.18 4.10
CA ALA A 234 13.65 -12.53 3.24
C ALA A 234 13.78 -11.01 3.22
N PRO A 235 13.52 -10.39 2.07
CA PRO A 235 13.61 -8.94 1.95
C PRO A 235 12.67 -8.31 2.99
N ALA A 236 13.14 -7.26 3.65
CA ALA A 236 12.38 -6.60 4.71
C ALA A 236 11.01 -6.01 4.37
N HIS A 237 10.90 -5.32 3.24
CA HIS A 237 9.63 -4.68 2.92
C HIS A 237 8.35 -5.51 2.92
N GLY A 238 8.44 -6.84 2.96
CA GLY A 238 7.22 -7.63 2.98
C GLY A 238 6.79 -8.05 4.38
N LEU A 239 7.62 -7.72 5.39
CA LEU A 239 7.35 -8.10 6.78
C LEU A 239 6.62 -7.05 7.61
N TYR A 240 5.62 -7.49 8.34
CA TYR A 240 4.83 -6.63 9.23
C TYR A 240 4.72 -7.20 10.63
N PHE A 241 4.99 -6.37 11.63
CA PHE A 241 4.81 -6.80 12.99
C PHE A 241 3.35 -6.49 13.16
N VAL A 242 2.52 -7.49 13.46
CA VAL A 242 1.08 -7.24 13.60
C VAL A 242 0.62 -6.74 14.98
N GLU A 243 0.91 -7.51 16.03
CA GLU A 243 0.47 -7.12 17.37
C GLU A 243 1.13 -7.98 18.45
N ALA A 244 0.87 -7.64 19.71
CA ALA A 244 1.39 -8.38 20.85
C ALA A 244 0.26 -8.45 21.86
N ALA A 245 0.22 -9.54 22.62
CA ALA A 245 -0.80 -9.75 23.63
C ALA A 245 -0.15 -9.72 25.00
N TYR A 246 -0.82 -9.07 25.95
CA TYR A 246 -0.34 -8.94 27.31
C TYR A 246 -1.36 -9.58 28.23
N PRO A 247 -0.97 -9.88 29.49
CA PRO A 247 -1.95 -10.49 30.39
C PRO A 247 -2.81 -9.38 31.03
N GLU A 248 -4.12 -9.58 31.03
CA GLU A 248 -5.05 -8.58 31.54
C GLU A 248 -4.65 -7.88 32.85
N GLU A 249 -3.87 -8.56 33.68
CA GLU A 249 -3.41 -8.02 34.96
C GLU A 249 -2.62 -6.72 34.85
N MET B 1 5.15 1.02 -37.95
CA MET B 1 5.82 -0.25 -38.28
C MET B 1 5.01 -1.25 -37.45
N ARG B 2 5.22 -1.29 -36.15
CA ARG B 2 4.39 -2.17 -35.32
C ARG B 2 3.90 -1.21 -34.30
N ARG B 3 2.62 -1.31 -33.97
CA ARG B 3 2.08 -0.43 -32.97
C ARG B 3 1.66 -1.31 -31.83
N LEU B 4 2.00 -0.90 -30.62
CA LEU B 4 1.66 -1.69 -29.45
C LEU B 4 0.87 -0.94 -28.40
N LEU B 5 0.06 -1.67 -27.66
CA LEU B 5 -0.75 -1.11 -26.59
C LEU B 5 -0.01 -1.55 -25.35
N LEU B 6 0.45 -0.57 -24.58
CA LEU B 6 1.22 -0.79 -23.36
C LEU B 6 0.32 -0.47 -22.17
N LEU B 7 0.28 -1.32 -21.16
CA LEU B 7 -0.54 -1.00 -19.99
C LEU B 7 0.47 -0.66 -18.91
N CYS B 8 0.26 0.46 -18.23
CA CYS B 8 1.20 0.89 -17.20
C CYS B 8 0.60 1.06 -15.81
N GLU B 9 1.39 0.73 -14.81
CA GLU B 9 0.98 0.90 -13.43
C GLU B 9 1.91 1.94 -12.90
N TYR B 10 1.41 2.90 -12.13
CA TYR B 10 2.31 3.87 -11.57
C TYR B 10 1.84 4.45 -10.26
N ASP B 11 2.81 4.81 -9.45
CA ASP B 11 2.56 5.44 -8.17
C ASP B 11 2.74 6.89 -8.62
N GLY B 12 1.69 7.68 -8.56
CA GLY B 12 1.80 9.05 -9.02
C GLY B 12 2.35 10.08 -8.06
N THR B 13 2.60 9.69 -6.82
CA THR B 13 3.09 10.63 -5.83
C THR B 13 4.32 11.47 -6.27
N LEU B 14 5.35 10.87 -6.89
CA LEU B 14 6.52 11.65 -7.30
C LEU B 14 6.51 12.07 -8.78
N PHE B 15 5.33 12.26 -9.36
CA PHE B 15 5.21 12.69 -10.76
C PHE B 15 4.34 13.93 -10.75
N ALA B 16 4.53 14.82 -11.71
CA ALA B 16 3.71 16.01 -11.78
C ALA B 16 2.53 15.72 -12.68
N GLY B 17 2.17 14.45 -12.80
CA GLY B 17 1.05 14.11 -13.66
C GLY B 17 1.48 13.23 -14.84
N LEU B 18 0.53 12.86 -15.69
CA LEU B 18 0.84 11.99 -16.82
C LEU B 18 1.43 12.77 -17.99
N GLN B 19 0.71 13.76 -18.50
CA GLN B 19 1.16 14.56 -19.65
C GLN B 19 2.52 15.27 -19.51
N ARG B 20 3.36 15.10 -20.53
CA ARG B 20 4.68 15.76 -20.54
C ARG B 20 4.47 17.26 -20.49
N GLN B 21 5.09 17.94 -19.53
CA GLN B 21 4.89 19.39 -19.38
C GLN B 21 6.05 20.39 -19.61
N GLY B 22 7.26 19.92 -19.87
CA GLY B 22 8.37 20.84 -20.11
C GLY B 22 8.90 21.57 -18.89
N ARG B 23 10.11 22.09 -18.98
CA ARG B 23 10.78 22.81 -17.88
C ARG B 23 11.25 21.81 -16.83
N GLY B 24 11.76 20.68 -17.30
CA GLY B 24 12.28 19.66 -16.39
C GLY B 24 11.30 18.80 -15.60
N LEU B 25 10.09 19.30 -15.38
CA LEU B 25 9.08 18.56 -14.61
C LEU B 25 9.05 17.07 -14.92
N ARG B 26 9.01 16.26 -13.87
CA ARG B 26 8.99 14.81 -13.97
C ARG B 26 7.57 14.28 -14.24
N THR B 27 7.34 13.65 -15.39
CA THR B 27 5.99 13.13 -15.68
C THR B 27 5.98 11.65 -16.12
N VAL B 28 4.82 11.01 -16.00
CA VAL B 28 4.72 9.61 -16.41
C VAL B 28 5.02 9.49 -17.89
N GLN B 29 4.38 10.31 -18.73
CA GLN B 29 4.62 10.27 -20.19
C GLN B 29 6.09 10.55 -20.48
N GLY B 30 6.66 11.50 -19.76
CA GLY B 30 8.06 11.84 -19.97
C GLY B 30 8.98 10.67 -19.70
N GLU B 31 8.78 9.98 -18.58
CA GLU B 31 9.62 8.83 -18.24
C GLU B 31 9.42 7.61 -19.14
N LEU B 32 8.22 7.42 -19.69
CA LEU B 32 7.97 6.29 -20.58
C LEU B 32 8.63 6.62 -21.91
N GLU B 33 8.53 7.87 -22.32
CA GLU B 33 9.13 8.26 -23.58
C GLU B 33 10.67 8.21 -23.50
N ARG B 34 11.22 8.52 -22.32
CA ARG B 34 12.66 8.49 -22.10
C ARG B 34 13.21 7.07 -22.29
N ALA B 35 12.36 6.08 -22.04
CA ALA B 35 12.77 4.67 -22.14
C ALA B 35 12.40 3.91 -23.42
N LEU B 36 11.48 4.45 -24.21
CA LEU B 36 11.06 3.79 -25.42
C LEU B 36 12.22 3.52 -26.40
N PRO B 37 13.18 4.46 -26.52
CA PRO B 37 14.30 4.23 -27.44
C PRO B 37 15.06 2.93 -27.14
N GLY B 38 15.22 2.68 -25.85
CA GLY B 38 15.92 1.51 -25.40
C GLY B 38 15.36 0.18 -25.87
N ILE B 39 14.22 0.22 -26.55
CA ILE B 39 13.59 -0.99 -27.03
C ILE B 39 13.39 -0.91 -28.55
N GLY B 40 13.89 0.18 -29.15
CA GLY B 40 13.77 0.34 -30.59
C GLY B 40 12.43 0.94 -30.99
N ALA B 41 11.86 1.75 -30.10
CA ALA B 41 10.58 2.39 -30.36
C ALA B 41 10.75 3.90 -30.42
N LEU B 42 9.87 4.54 -31.19
CA LEU B 42 9.89 6.00 -31.33
C LEU B 42 9.59 6.57 -29.95
N PRO B 43 10.28 7.65 -29.55
CA PRO B 43 10.00 8.20 -28.21
C PRO B 43 8.70 8.97 -28.11
N LYS B 44 7.61 8.30 -28.44
CA LYS B 44 6.30 8.93 -28.38
C LYS B 44 5.27 7.98 -27.75
N ALA B 45 4.59 8.44 -26.71
CA ALA B 45 3.61 7.58 -26.06
C ALA B 45 2.27 8.30 -25.97
N VAL B 46 1.26 7.76 -26.63
CA VAL B 46 -0.08 8.34 -26.61
C VAL B 46 -0.93 7.62 -25.56
N ALA B 47 -1.32 8.36 -24.51
CA ALA B 47 -2.12 7.81 -23.41
C ALA B 47 -3.63 7.87 -23.63
N ALA B 48 -4.34 6.94 -22.97
CA ALA B 48 -5.79 6.86 -23.08
C ALA B 48 -6.41 8.03 -22.35
N GLY B 49 -5.68 8.55 -21.38
CA GLY B 49 -6.18 9.66 -20.62
C GLY B 49 -5.11 10.47 -19.92
N ARG B 50 -5.55 11.31 -18.99
CA ARG B 50 -4.65 12.20 -18.27
C ARG B 50 -4.86 12.15 -16.76
N THR B 51 -3.81 11.91 -16.00
CA THR B 51 -3.99 11.92 -14.56
C THR B 51 -3.24 13.09 -13.97
N ASP B 52 -3.87 13.74 -13.00
CA ASP B 52 -3.26 14.89 -12.35
C ASP B 52 -2.12 14.43 -11.45
N ALA B 53 -1.33 15.40 -10.98
CA ALA B 53 -0.21 15.14 -10.09
C ALA B 53 -0.69 14.36 -8.87
N GLY B 54 0.07 13.35 -8.51
CA GLY B 54 -0.31 12.54 -7.36
C GLY B 54 -1.26 11.39 -7.64
N VAL B 55 -2.06 11.43 -8.70
CA VAL B 55 -2.95 10.32 -8.91
C VAL B 55 -2.27 9.12 -9.58
N HIS B 56 -2.72 7.96 -9.15
CA HIS B 56 -2.19 6.67 -9.56
C HIS B 56 -2.90 5.96 -10.70
N ALA B 57 -2.25 4.91 -11.19
CA ALA B 57 -2.83 4.09 -12.25
C ALA B 57 -2.40 2.63 -12.09
N LEU B 58 -3.40 1.79 -12.32
CA LEU B 58 -3.33 0.35 -12.25
C LEU B 58 -3.01 -0.17 -13.66
N ALA B 59 -3.74 0.30 -14.67
CA ALA B 59 -3.51 -0.13 -16.05
C ALA B 59 -3.80 0.97 -17.07
N MET B 60 -3.03 2.06 -17.00
CA MET B 60 -3.19 3.15 -17.96
C MET B 60 -2.63 2.75 -19.31
N PRO B 61 -3.47 2.78 -20.35
CA PRO B 61 -3.01 2.40 -21.68
C PRO B 61 -2.25 3.51 -22.42
N PHE B 62 -1.22 3.13 -23.19
CA PHE B 62 -0.44 4.06 -24.04
C PHE B 62 -0.19 3.29 -25.32
N HIS B 63 -0.27 3.92 -26.48
CA HIS B 63 0.09 3.16 -27.66
C HIS B 63 1.43 3.72 -28.06
N VAL B 64 2.28 2.88 -28.64
CA VAL B 64 3.61 3.31 -29.07
C VAL B 64 3.95 2.61 -30.37
N ASP B 65 4.93 3.12 -31.10
CA ASP B 65 5.32 2.51 -32.37
C ASP B 65 6.75 2.02 -32.24
N VAL B 66 6.97 0.71 -32.41
CA VAL B 66 8.31 0.20 -32.30
C VAL B 66 8.86 -0.21 -33.68
N GLU B 67 10.03 0.33 -34.01
CA GLU B 67 10.68 0.06 -35.30
C GLU B 67 11.37 -1.27 -35.24
N SER B 68 11.94 -1.52 -34.07
CA SER B 68 12.66 -2.75 -33.72
C SER B 68 11.91 -4.06 -33.99
N ALA B 69 12.56 -5.19 -33.79
CA ALA B 69 11.92 -6.50 -34.02
C ALA B 69 11.63 -7.27 -32.70
N ILE B 70 11.70 -6.58 -31.55
CA ILE B 70 11.43 -7.17 -30.23
C ILE B 70 10.14 -7.94 -30.21
N PRO B 71 10.11 -9.13 -29.59
CA PRO B 71 8.83 -9.87 -29.58
C PRO B 71 7.92 -9.16 -28.57
N VAL B 72 6.62 -9.13 -28.83
CA VAL B 72 5.66 -8.46 -27.93
C VAL B 72 5.81 -8.92 -26.48
N GLU B 73 5.82 -10.23 -26.27
CA GLU B 73 5.94 -10.77 -24.93
C GLU B 73 7.21 -10.34 -24.16
N LYS B 74 8.16 -9.74 -24.89
CA LYS B 74 9.42 -9.27 -24.32
C LYS B 74 9.46 -7.77 -23.99
N VAL B 75 8.50 -7.01 -24.52
CA VAL B 75 8.49 -5.56 -24.31
C VAL B 75 8.40 -5.01 -22.87
N PRO B 76 7.52 -5.58 -22.02
CA PRO B 76 7.39 -5.10 -20.63
C PRO B 76 8.70 -5.23 -19.86
N GLU B 77 9.21 -6.46 -19.83
CA GLU B 77 10.46 -6.77 -19.15
C GLU B 77 11.57 -5.83 -19.64
N ALA B 78 11.69 -5.65 -20.95
CA ALA B 78 12.72 -4.77 -21.47
C ALA B 78 12.52 -3.31 -21.05
N LEU B 79 11.29 -2.81 -21.12
CA LEU B 79 11.09 -1.43 -20.71
C LEU B 79 11.25 -1.29 -19.21
N ASN B 80 10.92 -2.33 -18.47
CA ASN B 80 11.03 -2.25 -17.02
C ASN B 80 12.47 -2.13 -16.46
N ARG B 81 13.46 -2.62 -17.21
CA ARG B 81 14.87 -2.50 -16.80
C ARG B 81 15.25 -1.02 -16.86
N LEU B 82 14.56 -0.31 -17.74
CA LEU B 82 14.83 1.11 -17.96
C LEU B 82 13.99 2.10 -17.15
N LEU B 83 12.75 1.73 -16.84
CA LEU B 83 11.85 2.62 -16.09
C LEU B 83 12.12 2.70 -14.58
N PRO B 84 11.78 3.86 -13.98
CA PRO B 84 12.00 4.04 -12.55
C PRO B 84 11.09 3.11 -11.75
N GLU B 85 11.43 2.92 -10.47
CA GLU B 85 10.66 2.03 -9.61
C GLU B 85 9.16 2.35 -9.43
N ASP B 86 8.75 3.59 -9.68
CA ASP B 86 7.35 3.99 -9.52
C ASP B 86 6.48 3.99 -10.77
N LEU B 87 7.01 3.43 -11.86
CA LEU B 87 6.31 3.34 -13.15
C LEU B 87 6.79 2.08 -13.86
N LYS B 88 5.90 1.12 -14.09
CA LYS B 88 6.28 -0.10 -14.79
C LYS B 88 5.22 -0.48 -15.83
N VAL B 89 5.65 -1.19 -16.86
CA VAL B 89 4.76 -1.67 -17.88
C VAL B 89 4.26 -3.02 -17.39
N VAL B 90 2.94 -3.17 -17.25
CA VAL B 90 2.37 -4.43 -16.78
C VAL B 90 1.63 -5.19 -17.87
N GLY B 91 1.87 -4.81 -19.12
CA GLY B 91 1.23 -5.52 -20.23
C GLY B 91 1.49 -4.90 -21.59
N ALA B 92 1.56 -5.73 -22.62
CA ALA B 92 1.78 -5.22 -23.97
C ALA B 92 1.07 -6.09 -24.99
N ARG B 93 0.53 -5.45 -26.01
CA ARG B 93 -0.22 -6.15 -27.04
C ARG B 93 -0.06 -5.53 -28.42
N GLU B 94 0.09 -6.37 -29.45
CA GLU B 94 0.22 -5.81 -30.78
C GLU B 94 -1.15 -5.38 -31.26
N VAL B 95 -1.25 -4.15 -31.75
CA VAL B 95 -2.53 -3.65 -32.23
C VAL B 95 -2.42 -3.20 -33.67
N ALA B 96 -3.53 -2.70 -34.19
CA ALA B 96 -3.61 -2.20 -35.54
C ALA B 96 -2.73 -0.97 -35.65
N PRO B 97 -2.11 -0.74 -36.82
CA PRO B 97 -1.22 0.41 -37.08
C PRO B 97 -1.98 1.72 -36.92
N ASP B 98 -3.30 1.54 -36.93
CA ASP B 98 -4.37 2.53 -36.88
C ASP B 98 -4.86 2.86 -35.46
N PHE B 99 -4.72 1.89 -34.57
CA PHE B 99 -5.13 2.01 -33.18
C PHE B 99 -4.79 3.33 -32.50
N HIS B 100 -5.77 3.88 -31.78
CA HIS B 100 -5.53 5.12 -31.04
C HIS B 100 -6.04 4.93 -29.62
N ALA B 101 -5.09 4.90 -28.68
CA ALA B 101 -5.38 4.70 -27.26
C ALA B 101 -6.44 5.63 -26.69
N ARG B 102 -6.48 6.88 -27.14
CA ARG B 102 -7.45 7.84 -26.62
C ARG B 102 -8.83 7.76 -27.28
N LYS B 103 -8.87 7.96 -28.59
CA LYS B 103 -10.11 7.95 -29.37
C LYS B 103 -10.88 6.62 -29.50
N ASP B 104 -10.14 5.51 -29.56
CA ASP B 104 -10.76 4.19 -29.71
C ASP B 104 -11.28 3.60 -28.39
N ALA B 105 -11.06 4.27 -27.25
CA ALA B 105 -11.52 3.72 -25.97
C ALA B 105 -13.05 3.73 -25.82
N LEU B 106 -13.60 2.60 -25.40
CA LEU B 106 -15.04 2.47 -25.19
C LEU B 106 -15.38 3.17 -23.89
N TRP B 107 -14.52 2.98 -22.87
CA TRP B 107 -14.70 3.62 -21.56
C TRP B 107 -13.50 3.60 -20.64
N ARG B 108 -13.55 4.44 -19.60
CA ARG B 108 -12.49 4.55 -18.62
C ARG B 108 -13.11 4.41 -17.24
N ALA B 109 -12.38 3.72 -16.36
CA ALA B 109 -12.84 3.48 -15.00
C ALA B 109 -11.85 3.99 -13.95
N TYR B 110 -12.36 4.61 -12.88
CA TYR B 110 -11.55 5.16 -11.79
C TYR B 110 -12.01 4.61 -10.45
N ARG B 111 -11.11 4.63 -9.48
CA ARG B 111 -11.45 4.18 -8.14
C ARG B 111 -10.80 5.11 -7.13
N TYR B 112 -11.58 5.49 -6.13
CA TYR B 112 -11.07 6.36 -5.08
C TYR B 112 -11.19 5.58 -3.78
N ARG B 113 -10.15 5.64 -2.97
CA ARG B 113 -10.14 4.89 -1.75
C ARG B 113 -10.05 5.80 -0.51
N ILE B 114 -11.00 5.61 0.40
CA ILE B 114 -11.07 6.34 1.65
C ILE B 114 -10.86 5.32 2.78
N LEU B 115 -9.98 5.65 3.73
CA LEU B 115 -9.69 4.76 4.85
C LEU B 115 -10.22 5.48 6.07
N VAL B 116 -11.22 4.85 6.65
CA VAL B 116 -11.93 5.31 7.83
C VAL B 116 -11.42 4.63 9.11
N ARG B 117 -10.83 5.43 9.99
CA ARG B 117 -10.30 4.92 11.25
C ARG B 117 -9.90 6.09 12.15
N PRO B 118 -9.71 5.86 13.45
CA PRO B 118 -9.33 6.91 14.40
C PRO B 118 -7.98 7.58 14.14
N HIS B 119 -7.01 6.86 13.59
CA HIS B 119 -5.71 7.50 13.38
C HIS B 119 -5.12 7.34 12.02
N PRO B 120 -4.26 8.29 11.64
CA PRO B 120 -3.64 8.23 10.32
C PRO B 120 -2.85 6.95 10.12
N SER B 121 -2.68 6.55 8.86
CA SER B 121 -1.98 5.35 8.55
C SER B 121 -0.72 5.58 7.71
N PRO B 122 0.44 5.43 8.33
CA PRO B 122 1.72 5.63 7.66
C PRO B 122 1.84 4.67 6.47
N LEU B 123 1.29 3.47 6.63
CA LEU B 123 1.38 2.50 5.55
C LEU B 123 0.55 2.87 4.30
N LEU B 124 -0.62 3.46 4.51
CA LEU B 124 -1.45 3.86 3.37
C LEU B 124 -1.54 5.37 3.15
N ARG B 125 -0.60 6.13 3.71
CA ARG B 125 -0.63 7.59 3.59
C ARG B 125 -0.65 8.16 2.14
N HIS B 126 -0.15 7.42 1.15
CA HIS B 126 -0.15 7.88 -0.23
C HIS B 126 -1.04 6.99 -1.08
N ARG B 127 -1.93 6.22 -0.44
CA ARG B 127 -2.79 5.29 -1.19
C ARG B 127 -4.30 5.45 -0.97
N ALA B 128 -4.66 6.15 0.10
CA ALA B 128 -6.04 6.34 0.46
C ALA B 128 -6.21 7.62 1.28
N LEU B 129 -7.40 8.20 1.20
CA LEU B 129 -7.72 9.44 1.93
C LEU B 129 -8.10 9.02 3.34
N TRP B 130 -7.35 9.47 4.34
CA TRP B 130 -7.69 9.12 5.69
C TRP B 130 -8.80 10.04 6.17
N VAL B 131 -9.85 9.43 6.70
CA VAL B 131 -10.99 10.16 7.22
C VAL B 131 -11.23 9.64 8.63
N ARG B 132 -11.27 10.55 9.59
CA ARG B 132 -11.44 10.21 11.01
C ARG B 132 -12.90 10.09 11.43
N ARG B 133 -13.75 10.96 10.90
CA ARG B 133 -15.14 10.93 11.28
C ARG B 133 -15.95 9.78 10.68
N PRO B 134 -17.07 9.43 11.33
CA PRO B 134 -17.98 8.37 10.92
C PRO B 134 -18.55 8.83 9.61
N LEU B 135 -18.92 7.90 8.75
CA LEU B 135 -19.43 8.31 7.44
C LEU B 135 -20.86 7.75 7.19
N ASP B 136 -21.75 8.58 6.64
CA ASP B 136 -23.12 8.13 6.36
C ASP B 136 -23.15 7.58 4.94
N LEU B 137 -22.98 6.26 4.85
CA LEU B 137 -22.95 5.51 3.60
C LEU B 137 -24.29 5.55 2.84
N GLU B 138 -25.40 5.63 3.58
CA GLU B 138 -26.71 5.67 2.95
C GLU B 138 -26.92 7.00 2.23
N ALA B 139 -26.56 8.09 2.90
CA ALA B 139 -26.68 9.41 2.28
C ALA B 139 -25.75 9.43 1.09
N MET B 140 -24.55 8.89 1.23
CA MET B 140 -23.61 8.85 0.11
C MET B 140 -24.17 8.03 -1.06
N GLU B 141 -24.79 6.89 -0.78
CA GLU B 141 -25.31 6.10 -1.89
C GLU B 141 -26.47 6.80 -2.60
N GLU B 142 -27.32 7.51 -1.88
CA GLU B 142 -28.43 8.19 -2.53
C GLU B 142 -27.84 9.33 -3.43
N ALA B 143 -26.78 10.04 -3.02
CA ALA B 143 -26.20 11.09 -3.91
C ALA B 143 -25.54 10.43 -5.11
N LEU B 144 -24.80 9.35 -4.87
CA LEU B 144 -24.12 8.64 -5.94
C LEU B 144 -25.12 8.32 -7.05
N SER B 145 -26.29 7.82 -6.66
CA SER B 145 -27.30 7.47 -7.66
C SER B 145 -27.77 8.66 -8.49
N LEU B 146 -27.67 9.87 -7.96
CA LEU B 146 -28.11 11.04 -8.72
C LEU B 146 -27.15 11.25 -9.89
N LEU B 147 -25.88 10.95 -9.69
CA LEU B 147 -24.86 11.11 -10.73
C LEU B 147 -24.94 10.16 -11.95
N LEU B 148 -25.63 9.02 -11.81
CA LEU B 148 -25.74 8.06 -12.90
C LEU B 148 -26.43 8.60 -14.17
N GLY B 149 -25.91 8.19 -15.32
CA GLY B 149 -26.50 8.62 -16.58
C GLY B 149 -25.99 9.90 -17.24
N ARG B 150 -26.68 10.29 -18.30
CA ARG B 150 -26.34 11.47 -19.09
C ARG B 150 -26.59 12.83 -18.42
N HIS B 151 -25.50 13.56 -18.13
CA HIS B 151 -25.59 14.89 -17.49
C HIS B 151 -24.46 15.77 -17.99
N ASN B 152 -24.54 17.04 -17.61
CA ASN B 152 -23.49 17.98 -17.93
C ASN B 152 -22.78 17.98 -16.61
N PHE B 153 -21.59 17.39 -16.60
CA PHE B 153 -20.83 17.28 -15.38
C PHE B 153 -19.85 18.42 -15.03
N LEU B 154 -19.86 19.48 -15.83
CA LEU B 154 -18.97 20.63 -15.62
C LEU B 154 -19.02 21.20 -14.20
N GLY B 155 -20.11 20.98 -13.47
CA GLY B 155 -20.16 21.50 -12.10
C GLY B 155 -19.14 20.77 -11.24
N PHE B 156 -18.54 19.71 -11.79
CA PHE B 156 -17.55 18.93 -11.04
C PHE B 156 -16.15 19.00 -11.66
N ALA B 157 -16.02 19.64 -12.83
CA ALA B 157 -14.71 19.76 -13.48
C ALA B 157 -13.83 20.84 -12.84
N LYS B 158 -12.58 20.94 -13.25
CA LYS B 158 -11.65 21.93 -12.70
C LYS B 158 -11.47 23.07 -13.68
N GLU B 159 -10.23 23.24 -14.13
CA GLU B 159 -9.88 24.27 -15.07
C GLU B 159 -10.57 23.92 -16.34
N GLU B 160 -11.67 23.20 -16.20
CA GLU B 160 -12.39 22.75 -17.36
C GLU B 160 -13.42 23.71 -17.85
N THR B 161 -13.39 23.86 -19.16
CA THR B 161 -14.39 24.60 -19.91
C THR B 161 -14.13 23.72 -21.09
N ARG B 162 -15.23 23.33 -21.72
CA ARG B 162 -15.30 22.43 -22.87
C ARG B 162 -16.73 21.87 -22.83
N PRO B 163 -17.17 21.22 -23.93
CA PRO B 163 -18.52 20.66 -23.97
C PRO B 163 -18.65 19.56 -22.92
N GLY B 164 -19.27 19.95 -21.81
CA GLY B 164 -19.41 19.07 -20.65
C GLY B 164 -20.38 17.89 -20.44
N GLU B 165 -21.21 17.53 -21.43
CA GLU B 165 -22.13 16.43 -21.25
C GLU B 165 -21.38 15.12 -21.29
N ARG B 166 -21.57 14.32 -20.27
CA ARG B 166 -20.93 13.02 -20.24
C ARG B 166 -21.99 12.08 -19.76
N GLU B 167 -21.70 10.79 -19.85
CA GLU B 167 -22.67 9.82 -19.41
C GLU B 167 -21.98 8.84 -18.48
N LEU B 168 -22.29 8.98 -17.19
CA LEU B 168 -21.71 8.10 -16.17
C LEU B 168 -22.44 6.79 -16.26
N LEU B 169 -21.69 5.73 -16.58
CA LEU B 169 -22.26 4.39 -16.75
C LEU B 169 -22.37 3.66 -15.43
N GLU B 170 -21.40 3.90 -14.56
CA GLU B 170 -21.40 3.26 -13.22
C GLU B 170 -20.87 4.18 -12.13
N ALA B 171 -21.38 4.07 -10.85
CA ALA B 171 -21.03 4.97 -9.63
C ALA B 171 -21.48 4.25 -8.48
N ARG B 172 -20.55 3.46 -7.98
CA ARG B 172 -20.84 2.60 -6.87
C ARG B 172 -19.89 2.72 -5.71
N LEU B 173 -20.45 2.44 -4.54
CA LEU B 173 -19.73 2.48 -3.26
C LEU B 173 -19.60 1.08 -2.68
N GLN B 174 -18.37 0.73 -2.32
CA GLN B 174 -18.01 -0.57 -1.73
C GLN B 174 -17.30 -0.36 -0.40
N VAL B 175 -17.63 -1.16 0.61
CA VAL B 175 -16.93 -1.08 1.89
C VAL B 175 -16.24 -2.43 1.99
N ALA B 176 -14.95 -2.41 2.21
CA ALA B 176 -14.16 -3.63 2.34
C ALA B 176 -13.39 -3.46 3.64
N GLU B 177 -13.68 -4.31 4.61
CA GLU B 177 -13.05 -4.24 5.94
C GLU B 177 -11.59 -4.83 5.98
N GLY B 178 -10.65 -4.11 5.37
CA GLY B 178 -9.26 -4.54 5.32
C GLY B 178 -8.63 -4.56 6.69
N GLU B 179 -7.38 -4.98 6.80
CA GLU B 179 -6.73 -5.03 8.11
C GLU B 179 -6.16 -3.65 8.47
N ALA B 180 -5.62 -2.97 7.46
CA ALA B 180 -5.05 -1.64 7.63
C ALA B 180 -6.22 -0.80 8.05
N GLY B 181 -7.37 -1.44 8.04
CA GLY B 181 -8.59 -0.76 8.41
C GLY B 181 -9.70 -0.78 7.35
N LEU B 182 -10.86 -0.29 7.77
CA LEU B 182 -12.05 -0.22 6.95
C LEU B 182 -11.87 0.78 5.82
N GLU B 183 -12.25 0.36 4.61
CA GLU B 183 -12.12 1.20 3.43
C GLU B 183 -13.43 1.40 2.69
N VAL B 184 -13.67 2.63 2.24
CA VAL B 184 -14.87 2.91 1.46
C VAL B 184 -14.29 3.20 0.09
N ARG B 185 -14.75 2.45 -0.91
CA ARG B 185 -14.25 2.59 -2.26
C ARG B 185 -15.34 3.10 -3.22
N LEU B 186 -15.02 4.18 -3.94
CA LEU B 186 -15.95 4.78 -4.90
C LEU B 186 -15.43 4.45 -6.29
N TYR B 187 -16.30 3.83 -7.09
CA TYR B 187 -15.92 3.42 -8.43
C TYR B 187 -16.74 4.19 -9.47
N PHE B 188 -16.09 4.63 -10.53
CA PHE B 188 -16.76 5.38 -11.58
C PHE B 188 -16.33 4.88 -12.94
N ARG B 189 -17.31 4.60 -13.79
CA ARG B 189 -17.02 4.13 -15.14
C ARG B 189 -17.84 4.95 -16.17
N GLY B 190 -17.14 5.45 -17.18
CA GLY B 190 -17.78 6.23 -18.24
C GLY B 190 -16.91 6.29 -19.52
N LYS B 191 -17.49 6.63 -20.67
CA LYS B 191 -16.69 6.69 -21.90
C LYS B 191 -15.46 7.57 -21.68
N SER B 192 -15.70 8.77 -21.16
CA SER B 192 -14.60 9.67 -20.85
C SER B 192 -15.08 10.60 -19.76
N PHE B 193 -14.12 11.26 -19.11
CA PHE B 193 -14.40 12.18 -18.04
C PHE B 193 -13.79 13.54 -18.27
N LEU B 194 -14.45 14.56 -17.71
CA LEU B 194 -13.95 15.92 -17.78
C LEU B 194 -12.72 15.91 -16.88
N ARG B 195 -11.80 16.84 -17.09
CA ARG B 195 -10.61 16.89 -16.27
C ARG B 195 -11.03 17.38 -14.87
N GLY B 196 -10.62 16.64 -13.83
CA GLY B 196 -10.95 17.02 -12.45
C GLY B 196 -12.28 16.49 -11.92
N GLN B 197 -13.12 16.01 -12.83
CA GLN B 197 -14.44 15.49 -12.51
C GLN B 197 -14.51 14.45 -11.40
N VAL B 198 -13.82 13.32 -11.56
CA VAL B 198 -13.87 12.30 -10.52
C VAL B 198 -13.50 12.84 -9.14
N ARG B 199 -12.39 13.58 -9.06
CA ARG B 199 -11.98 14.15 -7.76
C ARG B 199 -13.05 15.13 -7.29
N GLY B 200 -13.72 15.78 -8.26
CA GLY B 200 -14.78 16.72 -7.92
C GLY B 200 -15.98 15.99 -7.31
N MET B 201 -16.45 14.96 -8.00
CA MET B 201 -17.58 14.18 -7.52
C MET B 201 -17.25 13.64 -6.14
N VAL B 202 -16.05 13.09 -5.96
CA VAL B 202 -15.62 12.53 -4.67
C VAL B 202 -15.62 13.51 -3.50
N GLY B 203 -15.16 14.74 -3.73
CA GLY B 203 -15.15 15.72 -2.65
C GLY B 203 -16.55 16.13 -2.20
N THR B 204 -17.49 16.18 -3.12
CA THR B 204 -18.83 16.56 -2.71
C THR B 204 -19.50 15.37 -1.99
N LEU B 205 -19.27 14.16 -2.50
CA LEU B 205 -19.82 12.94 -1.88
C LEU B 205 -19.33 12.76 -0.45
N LEU B 206 -18.09 13.16 -0.24
CA LEU B 206 -17.47 13.08 1.07
C LEU B 206 -18.22 14.05 1.97
N GLU B 207 -18.57 15.21 1.42
CA GLU B 207 -19.31 16.20 2.19
C GLU B 207 -20.66 15.60 2.54
N VAL B 208 -21.24 14.87 1.60
CA VAL B 208 -22.52 14.22 1.86
C VAL B 208 -22.35 13.25 3.03
N GLY B 209 -21.31 12.42 2.96
CA GLY B 209 -21.03 11.47 4.02
C GLY B 209 -20.88 12.03 5.43
N LEU B 210 -20.46 13.28 5.51
CA LEU B 210 -20.31 13.96 6.78
C LEU B 210 -21.57 14.78 6.77
N GLY B 211 -21.45 16.10 6.80
CA GLY B 211 -22.64 16.95 6.79
C GLY B 211 -22.53 17.97 5.67
N LYS B 212 -23.53 18.05 4.81
CA LYS B 212 -23.52 18.96 3.67
C LYS B 212 -24.93 18.69 3.14
N ARG B 213 -25.79 19.70 3.04
CA ARG B 213 -27.15 19.46 2.56
C ARG B 213 -27.19 18.12 1.91
N PRO B 214 -28.09 17.18 2.28
CA PRO B 214 -28.33 15.82 1.73
C PRO B 214 -28.00 15.46 0.22
N PRO B 215 -28.08 14.18 -0.18
CA PRO B 215 -27.74 14.00 -1.60
C PRO B 215 -28.45 15.02 -2.50
N GLU B 216 -29.61 15.49 -2.04
CA GLU B 216 -30.39 16.45 -2.83
C GLU B 216 -29.57 17.55 -3.47
N SER B 217 -28.64 18.14 -2.74
CA SER B 217 -27.85 19.22 -3.32
C SER B 217 -27.16 18.86 -4.63
N LEU B 218 -26.85 17.59 -4.86
CA LEU B 218 -26.17 17.25 -6.10
C LEU B 218 -27.06 17.51 -7.34
N LYS B 219 -28.38 17.57 -7.19
CA LYS B 219 -29.18 17.85 -8.40
C LYS B 219 -28.96 19.28 -8.95
N ALA B 220 -28.76 20.24 -8.06
CA ALA B 220 -28.49 21.60 -8.49
C ALA B 220 -27.20 21.67 -9.29
N ILE B 221 -26.13 21.09 -8.75
CA ILE B 221 -24.86 21.14 -9.47
C ILE B 221 -24.93 20.44 -10.84
N LEU B 222 -25.75 19.41 -10.97
CA LEU B 222 -25.91 18.71 -12.25
C LEU B 222 -26.77 19.58 -13.18
N LYS B 223 -27.78 20.26 -12.61
CA LYS B 223 -28.69 21.11 -13.38
C LYS B 223 -28.01 22.39 -13.95
N THR B 224 -27.49 23.22 -13.05
CA THR B 224 -26.84 24.47 -13.39
C THR B 224 -25.42 24.30 -13.93
N ALA B 225 -24.73 23.24 -13.49
CA ALA B 225 -23.34 22.93 -13.84
C ALA B 225 -22.39 24.03 -13.38
N ASP B 226 -22.71 24.56 -12.21
CA ASP B 226 -21.99 25.64 -11.56
C ASP B 226 -20.99 25.11 -10.52
N ARG B 227 -19.71 25.14 -10.87
CA ARG B 227 -18.62 24.67 -10.00
C ARG B 227 -18.61 25.16 -8.54
N ARG B 228 -18.99 26.41 -8.30
CA ARG B 228 -18.98 26.98 -6.95
C ARG B 228 -19.96 26.27 -5.97
N LEU B 229 -20.82 25.41 -6.51
CA LEU B 229 -21.80 24.68 -5.69
C LEU B 229 -21.28 23.32 -5.22
N ALA B 230 -20.17 22.86 -5.79
CA ALA B 230 -19.59 21.58 -5.40
C ALA B 230 -18.69 21.75 -4.19
N GLY B 231 -18.14 20.65 -3.69
CA GLY B 231 -17.27 20.74 -2.54
C GLY B 231 -15.87 20.81 -3.07
N PRO B 232 -14.84 20.74 -2.22
CA PRO B 232 -13.46 20.82 -2.70
C PRO B 232 -13.01 19.51 -3.38
N THR B 233 -12.04 19.60 -4.29
CA THR B 233 -11.57 18.43 -5.03
C THR B 233 -10.93 17.48 -4.02
N ALA B 234 -11.17 16.17 -4.11
CA ALA B 234 -10.58 15.26 -3.15
C ALA B 234 -9.09 15.14 -3.42
N PRO B 235 -8.29 14.89 -2.37
CA PRO B 235 -6.84 14.78 -2.60
C PRO B 235 -6.51 13.70 -3.61
N ALA B 236 -5.44 13.94 -4.36
CA ALA B 236 -5.00 13.05 -5.43
C ALA B 236 -4.51 11.65 -5.02
N HIS B 237 -3.85 11.49 -3.86
CA HIS B 237 -3.30 10.19 -3.49
C HIS B 237 -4.27 9.04 -3.26
N GLY B 238 -5.58 9.34 -3.21
CA GLY B 238 -6.55 8.28 -3.04
C GLY B 238 -7.20 7.91 -4.35
N LEU B 239 -6.83 8.60 -5.43
CA LEU B 239 -7.43 8.31 -6.75
C LEU B 239 -6.58 7.36 -7.63
N TYR B 240 -7.24 6.42 -8.30
CA TYR B 240 -6.58 5.44 -9.18
C TYR B 240 -7.30 5.27 -10.50
N PHE B 241 -6.56 5.35 -11.60
CA PHE B 241 -7.17 5.11 -12.91
C PHE B 241 -7.15 3.59 -12.97
N VAL B 242 -8.30 2.94 -13.09
CA VAL B 242 -8.31 1.49 -13.09
C VAL B 242 -7.98 0.83 -14.44
N GLU B 243 -8.72 1.15 -15.51
CA GLU B 243 -8.48 0.51 -16.81
C GLU B 243 -9.30 1.19 -17.92
N ALA B 244 -9.05 0.84 -19.18
CA ALA B 244 -9.83 1.38 -20.29
C ALA B 244 -10.21 0.15 -21.10
N ALA B 245 -11.33 0.20 -21.79
CA ALA B 245 -11.73 -0.94 -22.61
C ALA B 245 -11.77 -0.47 -24.04
N TYR B 246 -11.42 -1.38 -24.93
CA TYR B 246 -11.38 -1.13 -26.36
C TYR B 246 -12.17 -2.23 -27.07
N PRO B 247 -12.78 -1.91 -28.22
CA PRO B 247 -13.54 -2.93 -28.95
C PRO B 247 -12.58 -4.03 -29.46
N GLU B 248 -13.04 -5.27 -29.51
CA GLU B 248 -12.16 -6.33 -29.99
C GLU B 248 -11.71 -5.85 -31.37
N GLU B 249 -10.40 -5.63 -31.51
CA GLU B 249 -9.74 -5.09 -32.71
C GLU B 249 -10.08 -3.64 -32.64
#